data_3UD9
#
_entry.id   3UD9
#
_cell.length_a   113.574
_cell.length_b   46.930
_cell.length_c   96.708
_cell.angle_alpha   90.00
_cell.angle_beta   125.71
_cell.angle_gamma   90.00
#
_symmetry.space_group_name_H-M   'C 1 2 1'
#
loop_
_entity.id
_entity.type
_entity.pdbx_description
1 polymer 'Heparin-binding growth factor 1'
2 branched '2-deoxy-6-O-sulfo-2-(sulfoamino)-alpha-D-glucopyranose-(1-4)-1-O-methyl-2-O-sulfo-alpha-L-idopyranuronic acid'
3 non-polymer 'PHOSPHATE ION'
4 water water
#
_entity_poly.entity_id   1
_entity_poly.type   'polypeptide(L)'
_entity_poly.pdbx_seq_one_letter_code
;MFNLPPGNYKKPKLLYCSNGGHFLRILPDGTVDGTRDRSDQHIQLQLSAESVGEVYIKSTETGQYLAMDTDGLLYGSQTP
NEECLFLERLEENHYNTYISKKHAEKNWFVGLKKNGSCKRGPRTHYGQKAILFLPLPVSSD
;
_entity_poly.pdbx_strand_id   A,B,C
#
# COMPACT_ATOMS: atom_id res chain seq x y z
N PRO A 12 16.35 2.23 8.12
CA PRO A 12 15.92 3.53 7.58
C PRO A 12 16.29 3.63 6.11
N LYS A 13 15.32 3.93 5.29
CA LYS A 13 15.52 3.86 3.87
C LYS A 13 14.93 5.02 3.11
N LEU A 14 15.37 5.16 1.88
CA LEU A 14 14.73 5.96 0.89
C LEU A 14 14.14 4.99 -0.11
N LEU A 15 13.04 5.38 -0.73
CA LEU A 15 12.44 4.58 -1.75
C LEU A 15 12.44 5.39 -2.98
N TYR A 16 13.29 5.02 -3.90
CA TYR A 16 13.46 5.78 -5.09
C TYR A 16 12.69 5.12 -6.20
N CYS A 17 11.81 5.91 -6.81
CA CYS A 17 11.02 5.48 -7.92
C CYS A 17 11.72 5.75 -9.21
N SER A 18 11.83 4.75 -10.06
CA SER A 18 12.55 4.94 -11.29
C SER A 18 11.68 5.53 -12.38
N ASN A 19 10.44 5.79 -12.07
CA ASN A 19 9.59 6.55 -12.93
C ASN A 19 9.63 7.96 -12.43
N GLY A 20 10.33 8.81 -13.17
CA GLY A 20 10.51 10.16 -12.72
C GLY A 20 11.71 10.35 -11.84
N GLY A 21 12.25 9.27 -11.28
CA GLY A 21 13.38 9.38 -10.35
C GLY A 21 13.05 10.15 -9.06
N HIS A 22 12.02 9.77 -8.36
CA HIS A 22 11.60 10.47 -7.18
C HIS A 22 11.67 9.59 -5.97
N PHE A 23 11.98 10.20 -4.85
CA PHE A 23 11.88 9.60 -3.54
C PHE A 23 10.51 9.81 -2.93
N LEU A 24 9.92 8.72 -2.48
CA LEU A 24 8.60 8.73 -1.91
C LEU A 24 8.63 9.56 -0.63
N ARG A 25 7.67 10.45 -0.53
CA ARG A 25 7.56 11.43 0.52
C ARG A 25 6.15 11.51 1.11
N ILE A 26 6.08 11.41 2.42
CA ILE A 26 4.86 11.63 3.15
C ILE A 26 4.88 13.02 3.79
N LEU A 27 4.08 13.92 3.24
CA LEU A 27 3.99 15.28 3.77
C LEU A 27 3.34 15.37 5.13
N PRO A 28 3.73 16.39 5.92
CA PRO A 28 3.12 16.69 7.23
C PRO A 28 1.58 16.74 7.21
N ASP A 29 0.99 17.28 6.14
CA ASP A 29 -0.47 17.28 6.02
C ASP A 29 -1.15 16.01 5.49
N GLY A 30 -0.38 14.92 5.36
CA GLY A 30 -0.97 13.60 5.06
C GLY A 30 -0.84 13.23 3.60
N THR A 31 -0.57 14.24 2.79
CA THR A 31 -0.28 14.03 1.38
C THR A 31 0.95 13.13 1.16
N VAL A 32 0.91 12.36 0.06
CA VAL A 32 2.00 11.52 -0.40
C VAL A 32 2.34 11.87 -1.86
N ASP A 33 3.63 12.00 -2.14
CA ASP A 33 4.11 12.33 -3.47
C ASP A 33 5.60 11.98 -3.52
N GLY A 34 6.30 12.51 -4.50
CA GLY A 34 7.68 12.13 -4.72
C GLY A 34 8.42 13.42 -4.91
N THR A 35 9.69 13.43 -4.51
CA THR A 35 10.51 14.63 -4.61
C THR A 35 11.89 14.21 -5.08
N ARG A 36 12.44 14.91 -6.07
CA ARG A 36 13.77 14.56 -6.55
C ARG A 36 14.83 14.94 -5.52
N ASP A 37 14.48 15.84 -4.61
CA ASP A 37 15.43 16.38 -3.65
C ASP A 37 15.83 15.43 -2.49
N ARG A 38 17.08 14.94 -2.56
CA ARG A 38 17.59 13.97 -1.60
C ARG A 38 17.74 14.56 -0.18
N SER A 39 17.79 15.89 -0.07
CA SER A 39 17.92 16.51 1.26
C SER A 39 16.57 16.76 1.96
N ASP A 40 15.47 16.50 1.26
CA ASP A 40 14.15 16.58 1.87
C ASP A 40 14.10 15.76 3.18
N GLN A 41 13.42 16.29 4.18
CA GLN A 41 13.38 15.69 5.51
C GLN A 41 12.24 14.68 5.69
N HIS A 42 11.35 14.59 4.72
CA HIS A 42 10.21 13.71 4.82
C HIS A 42 10.33 12.51 3.90
N ILE A 43 11.55 12.14 3.56
CA ILE A 43 11.73 10.98 2.74
C ILE A 43 12.43 9.84 3.42
N GLN A 44 12.87 10.07 4.64
CA GLN A 44 13.51 9.01 5.42
C GLN A 44 12.41 8.11 5.88
N LEU A 45 12.44 6.86 5.51
CA LEU A 45 11.37 5.99 5.89
C LEU A 45 11.87 4.83 6.67
N GLN A 46 11.10 4.36 7.63
CA GLN A 46 11.46 3.13 8.29
C GLN A 46 10.50 2.07 7.87
N LEU A 47 11.03 0.97 7.35
CA LEU A 47 10.20 -0.19 7.05
C LEU A 47 10.23 -1.17 8.20
N SER A 48 9.07 -1.63 8.61
CA SER A 48 8.99 -2.66 9.63
C SER A 48 8.14 -3.81 9.12
N ALA A 49 8.54 -5.02 9.47
CA ALA A 49 7.82 -6.19 9.00
C ALA A 49 6.91 -6.75 10.08
N GLU A 50 5.75 -7.26 9.68
CA GLU A 50 4.99 -8.17 10.54
C GLU A 50 5.28 -9.60 10.10
N SER A 51 4.59 -10.06 9.06
CA SER A 51 4.96 -11.32 8.42
C SER A 51 6.10 -11.08 7.44
N VAL A 52 6.77 -12.15 7.02
CA VAL A 52 7.77 -12.01 5.96
C VAL A 52 7.08 -11.52 4.71
N GLY A 53 7.70 -10.58 4.01
CA GLY A 53 7.10 -10.00 2.83
C GLY A 53 6.00 -8.96 3.09
N GLU A 54 5.62 -8.78 4.36
CA GLU A 54 4.62 -7.77 4.72
C GLU A 54 5.22 -6.64 5.54
N VAL A 55 5.14 -5.41 5.04
CA VAL A 55 5.78 -4.29 5.72
C VAL A 55 4.90 -3.10 6.06
N TYR A 56 5.32 -2.37 7.08
CA TYR A 56 4.85 -1.06 7.39
C TYR A 56 5.85 -0.05 6.90
N ILE A 57 5.38 1.03 6.30
CA ILE A 57 6.26 2.08 5.81
C ILE A 57 5.98 3.40 6.55
N LYS A 58 6.96 3.81 7.37
CA LYS A 58 6.76 4.88 8.33
C LYS A 58 7.66 6.08 8.08
N SER A 59 7.05 7.27 7.98
CA SER A 59 7.81 8.53 7.97
C SER A 59 8.57 8.74 9.29
N THR A 60 9.90 8.84 9.24
CA THR A 60 10.66 9.03 10.48
C THR A 60 10.53 10.48 10.96
N GLU A 61 10.22 11.40 10.05
CA GLU A 61 10.09 12.80 10.41
C GLU A 61 8.76 13.08 11.11
N THR A 62 7.65 12.62 10.55
CA THR A 62 6.35 12.91 11.15
C THR A 62 5.79 11.72 11.89
N GLY A 63 6.38 10.55 11.71
CA GLY A 63 5.91 9.34 12.38
C GLY A 63 4.65 8.77 11.76
N GLN A 64 4.20 9.36 10.64
CA GLN A 64 3.06 8.82 9.86
C GLN A 64 3.39 7.51 9.10
N TYR A 65 2.34 6.72 8.85
CA TYR A 65 2.43 5.48 8.07
C TYR A 65 1.81 5.63 6.71
N LEU A 66 2.50 5.14 5.69
CA LEU A 66 1.94 5.08 4.35
C LEU A 66 0.72 4.19 4.31
N ALA A 67 -0.29 4.62 3.58
CA ALA A 67 -1.56 3.92 3.53
C ALA A 67 -2.26 4.12 2.22
N MET A 68 -3.15 3.20 1.93
CA MET A 68 -4.01 3.28 0.77
C MET A 68 -5.42 3.12 1.31
N ASP A 69 -6.33 3.97 0.82
CA ASP A 69 -7.72 3.96 1.27
C ASP A 69 -8.56 3.01 0.43
N THR A 70 -9.86 3.00 0.66
CA THR A 70 -10.69 1.97 0.05
C THR A 70 -11.06 2.30 -1.37
N ASP A 71 -10.48 3.36 -1.91
CA ASP A 71 -10.70 3.71 -3.30
C ASP A 71 -9.40 3.81 -4.03
N GLY A 72 -8.33 3.42 -3.34
CA GLY A 72 -7.09 3.25 -3.97
C GLY A 72 -6.14 4.40 -3.85
N LEU A 73 -6.33 5.28 -2.89
CA LEU A 73 -5.27 6.26 -2.73
C LEU A 73 -4.53 6.40 -1.46
N LEU A 74 -3.29 6.84 -1.66
CA LEU A 74 -2.21 6.86 -0.69
C LEU A 74 -2.40 8.02 0.22
N TYR A 75 -2.32 7.77 1.50
CA TYR A 75 -2.42 8.90 2.40
C TYR A 75 -1.45 8.59 3.51
N GLY A 76 -0.99 9.61 4.21
CA GLY A 76 -0.28 9.37 5.40
C GLY A 76 -1.25 9.10 6.52
N SER A 77 -1.13 7.95 7.17
CA SER A 77 -2.03 7.62 8.25
C SER A 77 -1.33 7.86 9.53
N GLN A 78 -2.07 8.39 10.50
CA GLN A 78 -1.50 8.66 11.82
C GLN A 78 -1.47 7.43 12.67
N THR A 79 -2.16 6.40 12.19
CA THR A 79 -2.41 5.16 12.93
C THR A 79 -1.93 4.01 12.08
N PRO A 80 -1.30 3.01 12.67
CA PRO A 80 -0.97 1.80 11.92
C PRO A 80 -2.19 0.86 11.87
N ASN A 81 -2.91 0.85 10.75
CA ASN A 81 -4.08 0.00 10.59
C ASN A 81 -3.86 -0.91 9.40
N GLU A 82 -4.86 -1.72 9.04
CA GLU A 82 -4.57 -2.68 8.00
C GLU A 82 -4.56 -2.11 6.59
N GLU A 83 -4.86 -0.83 6.47
CA GLU A 83 -4.68 -0.14 5.23
C GLU A 83 -3.23 0.27 5.07
N CYS A 84 -2.41 -0.03 6.06
CA CYS A 84 -1.01 0.37 6.10
C CYS A 84 -0.02 -0.76 5.86
N LEU A 85 -0.53 -1.93 5.59
CA LEU A 85 0.34 -3.04 5.32
C LEU A 85 0.48 -3.19 3.83
N PHE A 86 1.71 -3.36 3.39
CA PHE A 86 1.94 -3.62 2.01
C PHE A 86 2.72 -4.89 1.86
N LEU A 87 2.50 -5.54 0.73
CA LEU A 87 3.30 -6.71 0.35
C LEU A 87 4.54 -6.22 -0.40
N GLU A 88 5.72 -6.50 0.15
CA GLU A 88 6.92 -6.10 -0.52
C GLU A 88 7.43 -7.24 -1.40
N ARG A 89 7.58 -6.99 -2.71
CA ARG A 89 8.01 -8.04 -3.64
C ARG A 89 9.17 -7.58 -4.49
N LEU A 90 10.24 -8.35 -4.44
CA LEU A 90 11.37 -8.17 -5.29
C LEU A 90 10.96 -8.43 -6.72
N GLU A 91 11.39 -7.60 -7.64
CA GLU A 91 11.22 -7.92 -9.02
C GLU A 91 12.56 -7.99 -9.69
N GLU A 92 12.60 -8.68 -10.81
CA GLU A 92 13.77 -8.61 -11.68
C GLU A 92 14.39 -7.21 -11.61
N ASN A 93 15.64 -7.19 -11.18
CA ASN A 93 16.48 -6.01 -11.09
C ASN A 93 16.29 -5.26 -9.84
N HIS A 94 16.17 -5.94 -8.70
CA HIS A 94 16.55 -5.32 -7.46
C HIS A 94 15.53 -4.33 -6.86
N TYR A 95 14.69 -3.77 -7.71
CA TYR A 95 13.64 -2.88 -7.26
C TYR A 95 12.56 -3.68 -6.56
N ASN A 96 11.77 -3.05 -5.73
CA ASN A 96 10.59 -3.72 -5.15
C ASN A 96 9.29 -3.15 -5.67
N THR A 97 8.22 -3.93 -5.60
CA THR A 97 6.85 -3.38 -5.73
C THR A 97 6.15 -3.44 -4.38
N TYR A 98 5.25 -2.50 -4.14
CA TYR A 98 4.53 -2.51 -2.88
C TYR A 98 3.04 -2.60 -3.18
N ILE A 99 2.50 -3.77 -2.86
CA ILE A 99 1.14 -4.06 -3.10
C ILE A 99 0.38 -3.91 -1.81
N SER A 100 -0.67 -3.12 -1.88
CA SER A 100 -1.60 -3.02 -0.78
C SER A 100 -2.08 -4.40 -0.38
N LYS A 101 -1.88 -4.78 0.88
CA LYS A 101 -2.34 -6.09 1.36
C LYS A 101 -3.87 -6.19 1.37
N LYS A 102 -4.52 -5.14 1.86
CA LYS A 102 -5.98 -5.15 1.91
C LYS A 102 -6.65 -5.28 0.51
N HIS A 103 -6.05 -4.69 -0.51
CA HIS A 103 -6.58 -4.77 -1.88
C HIS A 103 -5.68 -5.52 -2.86
N ALA A 104 -5.02 -6.56 -2.35
CA ALA A 104 -4.05 -7.30 -3.14
C ALA A 104 -4.68 -7.94 -4.38
N GLU A 105 -5.91 -8.45 -4.22
CA GLU A 105 -6.64 -9.11 -5.30
C GLU A 105 -7.03 -8.14 -6.43
N LYS A 106 -6.89 -6.84 -6.20
CA LYS A 106 -7.14 -5.85 -7.26
C LYS A 106 -5.86 -5.32 -7.91
N ASN A 107 -4.72 -5.95 -7.59
CA ASN A 107 -3.41 -5.49 -8.05
C ASN A 107 -3.19 -3.98 -7.90
N TRP A 108 -3.42 -3.47 -6.70
CA TRP A 108 -3.25 -2.03 -6.37
C TRP A 108 -1.89 -1.74 -5.77
N PHE A 109 -1.03 -1.05 -6.52
CA PHE A 109 0.36 -0.86 -6.11
C PHE A 109 0.59 0.59 -5.67
N VAL A 110 1.35 0.80 -4.59
CA VAL A 110 1.93 2.08 -4.36
C VAL A 110 2.59 2.55 -5.67
N GLY A 111 2.26 3.76 -6.13
CA GLY A 111 2.81 4.23 -7.40
C GLY A 111 3.02 5.74 -7.50
N LEU A 112 4.05 6.15 -8.24
CA LEU A 112 4.28 7.55 -8.56
C LEU A 112 4.24 7.84 -10.06
N LYS A 113 3.54 8.89 -10.45
CA LYS A 113 3.61 9.36 -11.85
C LYS A 113 5.00 9.92 -12.17
N LYS A 114 5.26 10.21 -13.43
CA LYS A 114 6.55 10.78 -13.86
C LYS A 114 6.77 12.16 -13.26
N ASN A 115 5.68 12.90 -13.05
CA ASN A 115 5.78 14.26 -12.53
C ASN A 115 5.89 14.27 -10.99
N GLY A 116 5.93 13.09 -10.38
CA GLY A 116 6.14 12.97 -8.95
C GLY A 116 4.89 12.85 -8.09
N SER A 117 3.73 13.13 -8.66
CA SER A 117 2.49 13.02 -7.91
C SER A 117 2.02 11.58 -7.80
N CYS A 118 1.27 11.27 -6.74
CA CYS A 118 0.83 9.89 -6.46
C CYS A 118 -0.01 9.30 -7.58
N LYS A 119 -0.07 7.98 -7.63
CA LYS A 119 -0.88 7.26 -8.61
C LYS A 119 -1.88 6.43 -7.85
N ARG A 120 -3.15 6.55 -8.22
CA ARG A 120 -4.18 5.83 -7.51
C ARG A 120 -4.10 4.37 -7.80
N GLY A 121 -4.43 3.58 -6.79
CA GLY A 121 -4.35 2.11 -6.84
C GLY A 121 -4.94 1.44 -8.07
N PRO A 122 -6.18 1.74 -8.41
CA PRO A 122 -6.80 1.19 -9.61
C PRO A 122 -6.21 1.69 -10.91
N ARG A 123 -5.24 2.59 -10.88
CA ARG A 123 -4.62 2.98 -12.11
C ARG A 123 -3.25 2.42 -12.27
N THR A 124 -2.88 1.45 -11.42
CA THR A 124 -1.59 0.80 -11.50
C THR A 124 -1.67 -0.65 -11.98
N HIS A 125 -0.57 -1.17 -12.53
CA HIS A 125 -0.45 -2.59 -12.85
C HIS A 125 1.00 -3.02 -13.11
N TYR A 126 1.31 -4.30 -12.87
CA TYR A 126 2.63 -4.82 -13.24
C TYR A 126 3.14 -4.24 -14.55
N GLY A 127 4.46 -4.11 -14.65
CA GLY A 127 5.08 -3.60 -15.86
C GLY A 127 5.25 -2.09 -15.81
N GLN A 128 4.39 -1.41 -15.04
CA GLN A 128 4.51 0.04 -14.90
C GLN A 128 5.80 0.45 -14.21
N LYS A 129 6.44 1.51 -14.72
CA LYS A 129 7.60 2.11 -14.07
C LYS A 129 7.26 2.75 -12.72
N ALA A 130 6.03 3.28 -12.64
CA ALA A 130 5.52 3.95 -11.45
C ALA A 130 5.57 3.06 -10.20
N ILE A 131 5.61 1.74 -10.38
CA ILE A 131 5.45 0.82 -9.23
C ILE A 131 6.78 0.29 -8.73
N LEU A 132 7.87 0.71 -9.37
CA LEU A 132 9.18 0.13 -9.06
C LEU A 132 10.01 1.01 -8.15
N PHE A 133 10.30 0.51 -6.96
CA PHE A 133 11.01 1.29 -5.96
C PHE A 133 12.29 0.64 -5.52
N LEU A 134 13.35 1.42 -5.54
CA LEU A 134 14.61 0.96 -5.03
C LEU A 134 14.77 1.39 -3.58
N PRO A 135 14.78 0.43 -2.65
CA PRO A 135 15.05 0.73 -1.25
C PRO A 135 16.52 1.03 -1.01
N LEU A 136 16.80 2.21 -0.44
CA LEU A 136 18.17 2.65 -0.26
C LEU A 136 18.48 2.91 1.18
N PRO A 137 19.12 1.92 1.82
CA PRO A 137 19.46 1.99 3.25
C PRO A 137 20.23 3.25 3.56
N VAL A 138 19.64 4.12 4.37
CA VAL A 138 20.29 5.35 4.84
C VAL A 138 21.50 4.97 5.73
N SER A 139 22.61 5.69 5.58
CA SER A 139 23.86 5.39 6.30
C SER A 139 23.70 5.36 7.82
N LYS B 11 22.79 -12.83 -10.99
CA LYS B 11 21.69 -12.14 -10.26
C LYS B 11 22.20 -11.72 -8.92
N PRO B 12 22.00 -12.56 -7.91
CA PRO B 12 21.13 -13.73 -7.88
C PRO B 12 19.98 -13.49 -6.91
N LYS B 13 18.93 -14.28 -6.96
CA LYS B 13 17.91 -14.16 -5.94
C LYS B 13 17.84 -15.42 -5.10
N LEU B 14 17.16 -15.34 -3.97
CA LEU B 14 16.90 -16.50 -3.16
C LEU B 14 15.43 -16.78 -3.23
N LEU B 15 15.07 -18.06 -3.18
CA LEU B 15 13.70 -18.46 -3.11
C LEU B 15 13.37 -18.97 -1.71
N TYR B 16 12.53 -18.22 -1.01
CA TYR B 16 12.21 -18.52 0.38
C TYR B 16 10.85 -19.18 0.48
N CYS B 17 10.82 -20.39 1.04
CA CYS B 17 9.62 -21.20 1.12
C CYS B 17 8.90 -20.90 2.42
N SER B 18 7.65 -20.52 2.30
CA SER B 18 6.87 -20.11 3.45
C SER B 18 6.79 -21.25 4.44
N ASN B 19 6.65 -22.46 3.91
CA ASN B 19 6.31 -23.63 4.71
C ASN B 19 7.14 -23.70 5.99
N GLY B 20 8.43 -23.97 5.84
CA GLY B 20 9.32 -24.13 7.01
C GLY B 20 10.30 -22.98 7.19
N GLY B 21 10.26 -22.01 6.27
CA GLY B 21 11.22 -20.91 6.32
C GLY B 21 12.56 -21.22 5.69
N HIS B 22 12.60 -22.18 4.78
CA HIS B 22 13.82 -22.56 4.12
C HIS B 22 14.03 -21.85 2.80
N PHE B 23 15.28 -21.58 2.47
CA PHE B 23 15.64 -21.20 1.10
C PHE B 23 15.90 -22.44 0.28
N LEU B 24 15.43 -22.42 -0.98
CA LEU B 24 15.64 -23.53 -1.91
C LEU B 24 17.14 -23.69 -2.20
N ARG B 25 17.64 -24.93 -2.13
CA ARG B 25 19.05 -25.19 -2.34
C ARG B 25 19.31 -26.36 -3.29
N ILE B 26 20.25 -26.14 -4.21
CA ILE B 26 20.71 -27.17 -5.13
C ILE B 26 22.16 -27.51 -4.87
N LEU B 27 22.38 -28.53 -4.05
CA LEU B 27 23.73 -29.02 -3.78
C LEU B 27 24.41 -29.55 -5.04
N PRO B 28 25.77 -29.46 -5.08
CA PRO B 28 26.53 -29.88 -6.27
C PRO B 28 26.34 -31.34 -6.67
N ASP B 29 25.94 -32.20 -5.73
CA ASP B 29 25.57 -33.58 -6.06
C ASP B 29 24.18 -33.68 -6.72
N GLY B 30 23.52 -32.53 -6.90
CA GLY B 30 22.21 -32.49 -7.54
C GLY B 30 21.07 -32.78 -6.60
N THR B 31 21.40 -32.95 -5.32
CA THR B 31 20.37 -33.01 -4.30
C THR B 31 19.66 -31.65 -4.22
N VAL B 32 18.35 -31.67 -4.12
CA VAL B 32 17.59 -30.45 -3.89
C VAL B 32 16.96 -30.54 -2.50
N ASP B 33 17.14 -29.49 -1.70
CA ASP B 33 16.52 -29.41 -0.38
C ASP B 33 16.37 -27.95 0.02
N GLY B 34 16.20 -27.72 1.31
CA GLY B 34 16.11 -26.34 1.82
C GLY B 34 16.98 -26.10 3.05
N THR B 35 17.35 -24.86 3.29
CA THR B 35 18.17 -24.49 4.44
C THR B 35 17.79 -23.11 4.97
N ARG B 36 17.78 -22.96 6.30
CA ARG B 36 17.47 -21.66 6.89
C ARG B 36 18.66 -20.67 6.84
N ASP B 37 19.87 -21.19 6.56
CA ASP B 37 21.07 -20.35 6.53
C ASP B 37 21.20 -19.52 5.27
N ARG B 38 21.13 -18.21 5.41
CA ARG B 38 21.09 -17.32 4.27
C ARG B 38 22.46 -17.13 3.63
N SER B 39 23.50 -17.43 4.38
CA SER B 39 24.86 -17.29 3.86
C SER B 39 25.29 -18.49 3.02
N ASP B 40 24.49 -19.55 3.01
CA ASP B 40 24.80 -20.74 2.22
C ASP B 40 24.97 -20.40 0.76
N GLN B 41 25.98 -20.93 0.12
CA GLN B 41 26.26 -20.52 -1.23
C GLN B 41 25.54 -21.30 -2.32
N HIS B 42 24.73 -22.28 -1.94
CA HIS B 42 23.99 -23.03 -2.93
C HIS B 42 22.49 -22.75 -3.00
N ILE B 43 22.08 -21.66 -2.37
CA ILE B 43 20.71 -21.20 -2.45
C ILE B 43 20.62 -19.99 -3.34
N GLN B 44 21.71 -19.60 -3.96
CA GLN B 44 21.69 -18.47 -4.87
C GLN B 44 21.24 -18.82 -6.27
N LEU B 45 20.04 -18.44 -6.62
CA LEU B 45 19.42 -18.84 -7.87
C LEU B 45 19.31 -17.71 -8.87
N GLN B 46 19.11 -18.09 -10.11
CA GLN B 46 18.95 -17.17 -11.17
C GLN B 46 17.84 -17.75 -12.01
N LEU B 47 16.80 -16.98 -12.26
CA LEU B 47 15.69 -17.44 -13.07
C LEU B 47 15.81 -16.88 -14.45
N SER B 48 15.63 -17.72 -15.45
CA SER B 48 15.79 -17.30 -16.82
C SER B 48 14.65 -17.84 -17.62
N ALA B 49 14.28 -17.07 -18.62
CA ALA B 49 13.11 -17.36 -19.41
C ALA B 49 13.43 -18.11 -20.67
N GLU B 50 12.62 -19.10 -20.95
CA GLU B 50 12.58 -19.70 -22.25
C GLU B 50 11.41 -19.00 -22.91
N SER B 51 10.40 -19.76 -23.31
CA SER B 51 9.15 -19.15 -23.76
C SER B 51 8.62 -18.20 -22.68
N VAL B 52 7.64 -17.39 -23.07
CA VAL B 52 6.93 -16.54 -22.12
C VAL B 52 6.15 -17.40 -21.10
N GLY B 53 6.36 -17.14 -19.82
CA GLY B 53 5.70 -17.94 -18.80
C GLY B 53 6.54 -19.07 -18.21
N GLU B 54 7.58 -19.49 -18.96
CA GLU B 54 8.48 -20.61 -18.63
C GLU B 54 9.71 -20.06 -17.97
N VAL B 55 10.26 -20.78 -16.99
CA VAL B 55 11.58 -20.40 -16.45
C VAL B 55 12.49 -21.59 -16.22
N TYR B 56 13.79 -21.31 -16.23
CA TYR B 56 14.77 -22.24 -15.71
C TYR B 56 15.14 -21.64 -14.37
N ILE B 57 15.27 -22.51 -13.37
CA ILE B 57 15.80 -22.10 -12.11
C ILE B 57 17.22 -22.64 -11.93
N LYS B 58 18.23 -21.78 -12.05
CA LYS B 58 19.62 -22.20 -12.11
C LYS B 58 20.50 -21.71 -10.95
N SER B 59 21.36 -22.61 -10.45
CA SER B 59 22.33 -22.28 -9.40
C SER B 59 23.42 -21.42 -9.98
N THR B 60 23.67 -20.29 -9.33
CA THR B 60 24.72 -19.35 -9.77
C THR B 60 26.10 -19.84 -9.37
N GLU B 61 26.14 -20.62 -8.29
CA GLU B 61 27.35 -21.26 -7.82
C GLU B 61 27.80 -22.40 -8.75
N THR B 62 26.89 -23.28 -9.16
CA THR B 62 27.29 -24.52 -9.86
C THR B 62 26.89 -24.57 -11.32
N GLY B 63 25.99 -23.68 -11.73
CA GLY B 63 25.40 -23.78 -13.07
C GLY B 63 24.36 -24.91 -13.23
N GLN B 64 24.10 -25.67 -12.17
CA GLN B 64 23.06 -26.71 -12.24
C GLN B 64 21.68 -26.09 -12.38
N TYR B 65 20.81 -26.81 -13.09
CA TYR B 65 19.40 -26.44 -13.23
C TYR B 65 18.52 -27.29 -12.34
N LEU B 66 17.53 -26.67 -11.69
CA LEU B 66 16.47 -27.40 -11.02
C LEU B 66 15.71 -28.16 -12.08
N ALA B 67 15.19 -29.33 -11.71
CA ALA B 67 14.52 -30.23 -12.63
C ALA B 67 13.69 -31.24 -11.85
N MET B 68 12.67 -31.75 -12.48
CA MET B 68 11.83 -32.72 -11.86
C MET B 68 11.75 -33.92 -12.73
N ASP B 69 11.98 -35.07 -12.12
CA ASP B 69 12.01 -36.32 -12.87
C ASP B 69 10.63 -36.91 -13.01
N THR B 70 10.56 -38.03 -13.73
CA THR B 70 9.32 -38.71 -13.97
C THR B 70 8.64 -39.28 -12.73
N ASP B 71 9.34 -39.39 -11.61
CA ASP B 71 8.65 -39.82 -10.41
C ASP B 71 8.30 -38.64 -9.49
N GLY B 72 8.53 -37.43 -10.00
CA GLY B 72 8.11 -36.19 -9.33
C GLY B 72 9.11 -35.61 -8.36
N LEU B 73 10.33 -36.08 -8.47
CA LEU B 73 11.36 -35.78 -7.51
C LEU B 73 12.24 -34.70 -8.09
N LEU B 74 12.72 -33.83 -7.23
CA LEU B 74 13.50 -32.69 -7.66
C LEU B 74 14.94 -33.10 -7.63
N TYR B 75 15.72 -32.60 -8.59
CA TYR B 75 17.15 -32.88 -8.63
C TYR B 75 17.84 -31.74 -9.36
N GLY B 76 19.16 -31.67 -9.23
CA GLY B 76 19.97 -30.77 -10.03
C GLY B 76 20.62 -31.39 -11.27
N SER B 77 20.31 -30.80 -12.42
CA SER B 77 20.81 -31.27 -13.69
C SER B 77 21.97 -30.39 -14.10
N GLN B 78 23.02 -31.02 -14.63
CA GLN B 78 24.20 -30.29 -15.04
C GLN B 78 23.87 -29.65 -16.38
N THR B 79 22.88 -30.23 -17.05
CA THR B 79 22.49 -29.79 -18.38
C THR B 79 21.00 -29.40 -18.46
N PRO B 80 20.69 -28.35 -19.22
CA PRO B 80 19.31 -27.94 -19.45
C PRO B 80 18.53 -28.91 -20.31
N ASN B 81 17.79 -29.83 -19.72
CA ASN B 81 16.89 -30.67 -20.50
C ASN B 81 15.47 -30.15 -20.37
N GLU B 82 14.50 -30.93 -20.85
CA GLU B 82 13.10 -30.50 -20.86
C GLU B 82 12.42 -30.66 -19.49
N GLU B 83 12.96 -31.55 -18.67
CA GLU B 83 12.55 -31.68 -17.26
C GLU B 83 12.97 -30.47 -16.39
N CYS B 84 13.55 -29.44 -17.01
CA CYS B 84 14.13 -28.30 -16.29
C CYS B 84 13.28 -27.04 -16.44
N LEU B 85 12.22 -27.14 -17.21
CA LEU B 85 11.32 -26.03 -17.38
C LEU B 85 10.18 -26.08 -16.38
N PHE B 86 9.84 -24.93 -15.84
CA PHE B 86 8.78 -24.84 -14.89
C PHE B 86 7.92 -23.68 -15.32
N LEU B 87 6.65 -23.76 -15.03
CA LEU B 87 5.76 -22.64 -15.28
C LEU B 87 5.52 -21.87 -14.01
N GLU B 88 5.82 -20.59 -14.11
CA GLU B 88 5.74 -19.68 -12.99
C GLU B 88 4.37 -19.03 -12.86
N ARG B 89 4.01 -18.65 -11.65
CA ARG B 89 2.71 -18.10 -11.40
C ARG B 89 2.57 -17.37 -10.07
N LEU B 90 1.80 -16.30 -10.02
CA LEU B 90 1.51 -15.62 -8.77
C LEU B 90 0.26 -16.12 -8.07
N GLU B 91 0.39 -16.55 -6.84
CA GLU B 91 -0.71 -17.07 -6.09
C GLU B 91 -1.45 -15.89 -5.50
N GLU B 92 -2.65 -16.09 -4.97
CA GLU B 92 -3.37 -15.00 -4.32
C GLU B 92 -2.60 -14.66 -3.10
N ASN B 93 -1.95 -13.51 -3.07
CA ASN B 93 -1.04 -13.19 -1.98
C ASN B 93 0.38 -12.97 -2.43
N HIS B 94 0.55 -13.06 -3.74
CA HIS B 94 1.74 -12.69 -4.44
C HIS B 94 3.00 -13.45 -4.11
N TYR B 95 2.84 -14.69 -3.69
CA TYR B 95 3.94 -15.63 -3.68
C TYR B 95 4.09 -16.21 -5.07
N ASN B 96 5.27 -16.74 -5.38
CA ASN B 96 5.45 -17.54 -6.58
C ASN B 96 5.28 -19.03 -6.34
N THR B 97 4.70 -19.70 -7.34
CA THR B 97 4.65 -21.17 -7.43
C THR B 97 5.20 -21.59 -8.77
N TYR B 98 5.73 -22.81 -8.79
CA TYR B 98 6.44 -23.34 -9.95
C TYR B 98 5.92 -24.73 -10.24
N ILE B 99 5.52 -24.90 -11.48
CA ILE B 99 4.94 -26.17 -11.88
C ILE B 99 5.85 -26.79 -12.88
N SER B 100 6.04 -28.08 -12.79
CA SER B 100 6.68 -28.84 -13.86
C SER B 100 5.98 -28.69 -15.20
N LYS B 101 6.66 -28.20 -16.20
CA LYS B 101 6.06 -28.06 -17.51
C LYS B 101 5.80 -29.41 -18.14
N LYS B 102 6.73 -30.32 -17.99
CA LYS B 102 6.55 -31.66 -18.48
C LYS B 102 5.38 -32.40 -17.85
N HIS B 103 5.01 -32.05 -16.64
CA HIS B 103 3.86 -32.64 -16.02
C HIS B 103 2.78 -31.63 -15.72
N ALA B 104 2.65 -30.62 -16.56
CA ALA B 104 1.77 -29.52 -16.26
C ALA B 104 0.35 -29.95 -15.97
N GLU B 105 -0.15 -30.94 -16.69
CA GLU B 105 -1.53 -31.42 -16.48
C GLU B 105 -1.71 -32.05 -15.10
N LYS B 106 -0.64 -32.51 -14.50
CA LYS B 106 -0.76 -33.15 -13.21
C LYS B 106 -0.60 -32.18 -12.05
N ASN B 107 -0.28 -30.91 -12.36
CA ASN B 107 0.08 -29.92 -11.34
C ASN B 107 1.15 -30.37 -10.34
N TRP B 108 2.33 -30.75 -10.82
CA TRP B 108 3.43 -31.15 -9.91
C TRP B 108 4.27 -29.92 -9.55
N PHE B 109 4.04 -29.39 -8.35
CA PHE B 109 4.77 -28.23 -7.87
C PHE B 109 6.17 -28.56 -7.38
N VAL B 110 7.05 -27.56 -7.46
CA VAL B 110 8.23 -27.51 -6.62
C VAL B 110 7.72 -27.21 -5.22
N GLY B 111 8.19 -27.95 -4.23
CA GLY B 111 7.73 -27.74 -2.88
C GLY B 111 8.71 -28.30 -1.90
N LEU B 112 8.82 -27.64 -0.76
CA LEU B 112 9.64 -28.09 0.33
C LEU B 112 8.75 -28.40 1.51
N LYS B 113 9.11 -29.41 2.26
CA LYS B 113 8.37 -29.73 3.44
C LYS B 113 8.88 -28.83 4.53
N LYS B 114 8.12 -28.77 5.62
CA LYS B 114 8.47 -28.01 6.80
C LYS B 114 9.85 -28.33 7.36
N ASN B 115 10.29 -29.59 7.31
CA ASN B 115 11.63 -29.96 7.75
C ASN B 115 12.75 -29.63 6.75
N GLY B 116 12.41 -28.98 5.64
CA GLY B 116 13.43 -28.55 4.70
C GLY B 116 13.77 -29.53 3.59
N SER B 117 13.17 -30.71 3.60
CA SER B 117 13.44 -31.67 2.53
C SER B 117 12.42 -31.45 1.43
N CYS B 118 12.64 -32.02 0.26
CA CYS B 118 11.77 -31.75 -0.88
C CYS B 118 10.48 -32.55 -0.84
N LYS B 119 9.44 -31.95 -1.41
CA LYS B 119 8.16 -32.58 -1.55
C LYS B 119 7.99 -32.99 -3.01
N ARG B 120 7.63 -34.26 -3.22
CA ARG B 120 7.50 -34.82 -4.57
C ARG B 120 6.30 -34.22 -5.27
N GLY B 121 6.45 -33.96 -6.56
CA GLY B 121 5.41 -33.35 -7.40
C GLY B 121 3.98 -33.82 -7.21
N PRO B 122 3.74 -35.13 -7.35
CA PRO B 122 2.41 -35.70 -7.13
C PRO B 122 1.89 -35.58 -5.68
N ARG B 123 2.74 -35.38 -4.71
CA ARG B 123 2.23 -35.13 -3.37
C ARG B 123 2.10 -33.63 -3.05
N THR B 124 2.21 -32.76 -4.05
CA THR B 124 1.92 -31.35 -3.87
C THR B 124 0.49 -30.97 -4.30
N HIS B 125 -0.08 -29.95 -3.66
CA HIS B 125 -1.40 -29.45 -4.05
C HIS B 125 -1.55 -27.95 -3.84
N TYR B 126 -2.34 -27.31 -4.69
CA TYR B 126 -2.82 -25.92 -4.46
C TYR B 126 -3.34 -25.76 -3.03
N GLY B 127 -2.94 -24.69 -2.37
CA GLY B 127 -3.34 -24.48 -1.00
C GLY B 127 -2.34 -25.02 0.02
N GLN B 128 -1.13 -25.32 -0.42
CA GLN B 128 -0.10 -25.79 0.50
C GLN B 128 0.99 -24.72 0.71
N LYS B 129 1.38 -24.53 1.96
CA LYS B 129 2.52 -23.68 2.31
C LYS B 129 3.74 -24.15 1.54
N ALA B 130 3.83 -25.46 1.35
CA ALA B 130 5.01 -26.12 0.75
C ALA B 130 5.42 -25.51 -0.58
N ILE B 131 4.45 -25.01 -1.34
CA ILE B 131 4.71 -24.61 -2.70
C ILE B 131 4.89 -23.10 -2.87
N LEU B 132 4.79 -22.36 -1.76
CA LEU B 132 4.81 -20.89 -1.82
C LEU B 132 6.20 -20.35 -1.65
N PHE B 133 6.73 -19.73 -2.70
CA PHE B 133 8.06 -19.14 -2.64
C PHE B 133 8.02 -17.66 -2.80
N LEU B 134 8.90 -17.00 -2.06
CA LEU B 134 9.04 -15.59 -2.13
C LEU B 134 10.47 -15.33 -2.56
N PRO B 135 10.65 -14.71 -3.73
CA PRO B 135 11.98 -14.24 -4.12
C PRO B 135 12.44 -13.09 -3.23
N LEU B 136 13.61 -13.27 -2.63
CA LEU B 136 14.21 -12.33 -1.69
C LEU B 136 15.56 -11.97 -2.26
N PRO B 137 16.08 -10.79 -1.89
CA PRO B 137 17.42 -10.45 -2.34
C PRO B 137 18.51 -11.20 -1.56
N VAL B 138 19.73 -11.19 -2.10
CA VAL B 138 20.93 -11.56 -1.35
C VAL B 138 21.48 -12.89 -1.84
N LYS C 11 -15.36 32.48 20.71
CA LYS C 11 -16.11 31.32 20.25
C LYS C 11 -15.46 30.63 19.04
N PRO C 12 -14.13 30.78 18.88
CA PRO C 12 -13.39 30.10 17.80
C PRO C 12 -12.82 28.76 18.18
N LYS C 13 -12.89 27.84 17.22
CA LYS C 13 -12.42 26.49 17.43
C LYS C 13 -11.86 25.91 16.18
N LEU C 14 -11.08 24.89 16.37
CA LEU C 14 -10.72 24.01 15.28
C LEU C 14 -11.76 22.87 15.25
N LEU C 15 -11.95 22.23 14.11
CA LEU C 15 -12.82 21.08 14.03
C LEU C 15 -12.03 19.90 13.54
N TYR C 16 -11.87 18.91 14.43
CA TYR C 16 -10.97 17.81 14.15
C TYR C 16 -11.72 16.58 13.71
N CYS C 17 -11.46 16.16 12.48
CA CYS C 17 -12.12 15.04 11.84
C CYS C 17 -11.53 13.70 12.25
N SER C 18 -12.40 12.80 12.71
CA SER C 18 -11.96 11.53 13.26
C SER C 18 -11.42 10.52 12.20
N ASN C 19 -11.61 10.83 10.93
CA ASN C 19 -11.33 9.90 9.86
C ASN C 19 -9.84 9.72 9.64
N GLY C 20 -9.15 10.80 9.37
CA GLY C 20 -7.73 10.74 9.10
C GLY C 20 -6.98 11.71 9.95
N GLY C 21 -7.64 12.32 10.92
CA GLY C 21 -6.97 13.22 11.84
C GLY C 21 -6.57 14.55 11.25
N HIS C 22 -7.40 15.06 10.36
CA HIS C 22 -7.20 16.39 9.78
C HIS C 22 -8.13 17.42 10.41
N PHE C 23 -7.69 18.65 10.42
CA PHE C 23 -8.52 19.76 10.76
C PHE C 23 -9.20 20.31 9.52
N LEU C 24 -10.51 20.50 9.64
CA LEU C 24 -11.31 21.05 8.59
C LEU C 24 -10.72 22.41 8.23
N ARG C 25 -10.54 22.63 6.94
CA ARG C 25 -9.84 23.80 6.44
C ARG C 25 -10.60 24.40 5.29
N ILE C 26 -10.80 25.69 5.36
CA ILE C 26 -11.36 26.40 4.23
C ILE C 26 -10.31 27.30 3.70
N LEU C 27 -9.83 26.94 2.55
CA LEU C 27 -8.82 27.73 1.89
C LEU C 27 -9.46 28.89 1.19
N PRO C 28 -8.68 29.93 1.02
CA PRO C 28 -9.10 31.20 0.46
C PRO C 28 -9.76 31.14 -0.89
N ASP C 29 -9.39 30.17 -1.71
CA ASP C 29 -10.01 30.02 -3.00
C ASP C 29 -11.26 29.24 -2.89
N GLY C 30 -11.74 29.04 -1.66
CA GLY C 30 -12.99 28.36 -1.45
C GLY C 30 -12.84 26.86 -1.47
N THR C 31 -11.62 26.37 -1.54
CA THR C 31 -11.39 24.94 -1.46
C THR C 31 -11.51 24.47 -0.01
N VAL C 32 -12.24 23.41 0.19
CA VAL C 32 -12.38 22.86 1.51
C VAL C 32 -11.64 21.54 1.68
N ASP C 33 -10.85 21.42 2.71
CA ASP C 33 -10.31 20.13 2.96
C ASP C 33 -9.77 20.00 4.35
N GLY C 34 -9.19 18.86 4.63
CA GLY C 34 -8.57 18.68 5.90
C GLY C 34 -7.13 18.82 5.62
N THR C 35 -6.38 19.26 6.59
CA THR C 35 -4.97 19.31 6.41
C THR C 35 -4.44 18.27 7.37
N ARG C 36 -3.87 18.73 8.47
CA ARG C 36 -3.33 17.78 9.40
C ARG C 36 -2.23 18.38 10.22
N ASP C 37 -2.06 19.69 10.13
CA ASP C 37 -1.05 20.40 10.88
C ASP C 37 -1.64 21.14 12.04
N ARG C 38 -1.82 22.43 11.84
CA ARG C 38 -2.30 23.35 12.86
C ARG C 38 -1.26 24.37 12.86
N SER C 39 -0.31 24.16 11.98
CA SER C 39 0.56 25.20 11.54
C SER C 39 -0.13 25.91 10.39
N ASP C 40 -1.14 25.25 9.81
CA ASP C 40 -1.95 25.88 8.78
C ASP C 40 -2.82 26.95 9.42
N GLN C 41 -3.28 27.87 8.61
CA GLN C 41 -3.83 29.10 9.16
C GLN C 41 -5.29 29.32 8.82
N HIS C 42 -5.90 28.33 8.19
CA HIS C 42 -7.29 28.45 7.79
C HIS C 42 -8.11 27.37 8.40
N ILE C 43 -7.64 26.86 9.50
CA ILE C 43 -8.40 25.86 10.26
C ILE C 43 -9.04 26.42 11.51
N GLN C 44 -8.95 27.73 11.74
CA GLN C 44 -9.69 28.39 12.83
C GLN C 44 -11.08 28.80 12.38
N LEU C 45 -12.09 28.34 13.11
CA LEU C 45 -13.46 28.51 12.65
C LEU C 45 -14.40 29.08 13.70
N GLN C 46 -15.23 30.01 13.32
CA GLN C 46 -16.22 30.56 14.22
C GLN C 46 -17.60 29.96 13.87
N LEU C 47 -18.16 29.18 14.79
CA LEU C 47 -19.55 28.71 14.67
C LEU C 47 -20.53 29.72 15.29
N SER C 48 -21.46 30.22 14.48
CA SER C 48 -22.46 31.13 15.00
C SER C 48 -23.87 30.62 14.68
N ALA C 49 -24.75 30.72 15.67
CA ALA C 49 -26.10 30.18 15.62
C ALA C 49 -27.12 31.17 15.04
N GLU C 50 -27.83 30.75 14.01
CA GLU C 50 -29.03 31.45 13.55
C GLU C 50 -30.18 30.50 13.81
N SER C 51 -30.79 30.59 14.99
CA SER C 51 -31.81 29.62 15.37
C SER C 51 -31.19 28.34 15.90
N VAL C 52 -31.67 27.87 17.04
CA VAL C 52 -31.07 26.75 17.76
C VAL C 52 -30.76 25.50 16.93
N GLY C 53 -29.51 25.06 17.00
CA GLY C 53 -29.07 23.86 16.31
C GLY C 53 -28.75 24.11 14.85
N GLU C 54 -28.86 25.35 14.41
CA GLU C 54 -28.57 25.69 13.04
C GLU C 54 -27.36 26.61 13.06
N VAL C 55 -26.32 26.27 12.32
CA VAL C 55 -25.06 27.00 12.49
C VAL C 55 -24.43 27.47 11.19
N TYR C 56 -23.77 28.62 11.27
CA TYR C 56 -22.79 28.98 10.26
C TYR C 56 -21.42 28.58 10.76
N ILE C 57 -20.62 28.13 9.80
CA ILE C 57 -19.22 27.87 10.08
C ILE C 57 -18.40 28.85 9.27
N LYS C 58 -17.81 29.83 9.96
CA LYS C 58 -17.05 30.88 9.34
C LYS C 58 -15.55 30.81 9.64
N SER C 59 -14.73 30.88 8.62
CA SER C 59 -13.30 31.00 8.82
C SER C 59 -12.97 32.36 9.44
N THR C 60 -12.18 32.38 10.51
CA THR C 60 -11.88 33.65 11.15
C THR C 60 -10.78 34.39 10.40
N GLU C 61 -9.97 33.69 9.64
CA GLU C 61 -8.99 34.35 8.83
C GLU C 61 -9.61 35.04 7.60
N THR C 62 -10.26 34.27 6.73
CA THR C 62 -10.77 34.78 5.48
C THR C 62 -12.21 35.25 5.51
N GLY C 63 -12.97 34.86 6.53
CA GLY C 63 -14.37 35.25 6.66
C GLY C 63 -15.30 34.43 5.78
N GLN C 64 -14.77 33.43 5.08
CA GLN C 64 -15.61 32.59 4.25
C GLN C 64 -16.52 31.69 5.11
N TYR C 65 -17.66 31.31 4.57
CA TYR C 65 -18.58 30.38 5.23
C TYR C 65 -18.46 29.00 4.62
N LEU C 66 -18.39 27.97 5.45
CA LEU C 66 -18.55 26.59 4.99
C LEU C 66 -19.88 26.46 4.28
N ALA C 67 -19.87 25.81 3.12
CA ALA C 67 -21.11 25.66 2.35
C ALA C 67 -21.12 24.37 1.57
N MET C 68 -22.31 23.95 1.16
CA MET C 68 -22.46 22.77 0.30
C MET C 68 -23.34 23.03 -0.90
N ASP C 69 -22.77 22.87 -2.08
CA ASP C 69 -23.53 23.02 -3.34
C ASP C 69 -24.49 21.86 -3.66
N THR C 70 -25.12 21.93 -4.84
CA THR C 70 -26.19 20.99 -5.20
C THR C 70 -25.68 19.58 -5.46
N ASP C 71 -24.39 19.46 -5.77
CA ASP C 71 -23.77 18.15 -5.97
C ASP C 71 -23.28 17.53 -4.65
N GLY C 72 -23.45 18.28 -3.57
CA GLY C 72 -22.96 17.88 -2.25
C GLY C 72 -21.48 18.13 -2.02
N LEU C 73 -20.89 19.03 -2.81
CA LEU C 73 -19.51 19.42 -2.65
C LEU C 73 -19.36 20.60 -1.69
N LEU C 74 -18.44 20.48 -0.74
CA LEU C 74 -18.17 21.54 0.20
C LEU C 74 -17.41 22.66 -0.50
N TYR C 75 -17.69 23.87 -0.12
CA TYR C 75 -16.95 24.97 -0.67
C TYR C 75 -17.03 26.14 0.27
N GLY C 76 -16.06 27.01 0.22
CA GLY C 76 -16.13 28.22 1.00
C GLY C 76 -16.85 29.33 0.27
N SER C 77 -17.91 29.79 0.89
CA SER C 77 -18.72 30.82 0.32
C SER C 77 -18.32 32.12 0.90
N GLN C 78 -18.22 33.11 0.05
CA GLN C 78 -17.91 34.43 0.54
C GLN C 78 -19.12 35.15 0.99
N THR C 79 -20.28 34.55 0.80
CA THR C 79 -21.50 35.23 1.10
C THR C 79 -22.41 34.28 1.83
N PRO C 80 -22.72 34.59 3.06
CA PRO C 80 -23.53 33.66 3.82
C PRO C 80 -24.81 33.52 3.06
N ASN C 81 -25.28 32.29 2.87
CA ASN C 81 -26.59 32.08 2.26
C ASN C 81 -27.12 30.71 2.62
N GLU C 82 -28.19 30.35 1.91
CA GLU C 82 -28.96 29.12 2.16
C GLU C 82 -28.05 27.90 2.25
N GLU C 83 -27.06 27.86 1.38
CA GLU C 83 -26.14 26.75 1.34
C GLU C 83 -25.10 26.73 2.50
N CYS C 84 -25.19 27.69 3.41
CA CYS C 84 -24.21 27.77 4.46
C CYS C 84 -24.76 27.33 5.82
N LEU C 85 -26.04 26.97 5.90
CA LEU C 85 -26.55 26.55 7.19
C LEU C 85 -26.30 25.06 7.39
N PHE C 86 -26.00 24.65 8.62
CA PHE C 86 -25.84 23.24 8.92
C PHE C 86 -26.48 22.93 10.25
N LEU C 87 -27.07 21.77 10.37
CA LEU C 87 -27.65 21.37 11.65
C LEU C 87 -26.56 20.70 12.48
N GLU C 88 -26.41 21.12 13.71
CA GLU C 88 -25.35 20.58 14.54
C GLU C 88 -25.92 19.59 15.51
N ARG C 89 -25.43 18.38 15.46
CA ARG C 89 -25.87 17.42 16.43
C ARG C 89 -24.69 16.95 17.25
N LEU C 90 -24.83 17.10 18.55
CA LEU C 90 -23.78 16.71 19.48
C LEU C 90 -23.84 15.23 19.73
N GLU C 91 -22.71 14.56 19.70
CA GLU C 91 -22.67 13.11 19.89
C GLU C 91 -22.04 12.77 21.21
N GLU C 92 -22.21 11.54 21.66
CA GLU C 92 -21.49 11.04 22.82
C GLU C 92 -20.24 10.44 22.26
N ASN C 93 -19.12 10.74 22.89
CA ASN C 93 -17.81 10.55 22.31
C ASN C 93 -17.36 11.97 22.18
N HIS C 94 -18.36 12.84 22.25
CA HIS C 94 -18.17 14.26 22.39
C HIS C 94 -17.78 14.91 21.08
N TYR C 95 -17.95 14.17 19.99
CA TYR C 95 -17.84 14.73 18.66
C TYR C 95 -19.16 15.40 18.22
N ASN C 96 -19.12 16.07 17.07
CA ASN C 96 -20.30 16.71 16.45
C ASN C 96 -20.49 16.27 15.03
N THR C 97 -21.72 16.31 14.53
CA THR C 97 -21.98 16.15 13.11
C THR C 97 -22.65 17.38 12.54
N TYR C 98 -22.52 17.58 11.22
CA TYR C 98 -23.01 18.78 10.57
C TYR C 98 -23.73 18.41 9.26
N ILE C 99 -25.06 18.47 9.30
CA ILE C 99 -25.87 18.13 8.14
C ILE C 99 -26.28 19.39 7.37
N SER C 100 -26.06 19.36 6.06
CA SER C 100 -26.43 20.46 5.19
C SER C 100 -27.92 20.66 5.41
N LYS C 101 -28.29 21.82 5.95
CA LYS C 101 -29.71 22.06 6.22
C LYS C 101 -30.50 22.07 4.93
N LYS C 102 -29.96 22.74 3.91
CA LYS C 102 -30.59 22.76 2.62
C LYS C 102 -30.86 21.35 2.08
N HIS C 103 -29.87 20.48 2.14
CA HIS C 103 -30.02 19.13 1.62
C HIS C 103 -30.16 18.07 2.72
N ALA C 104 -30.80 18.46 3.83
CA ALA C 104 -30.95 17.60 4.99
C ALA C 104 -31.71 16.32 4.72
N GLU C 105 -32.80 16.45 3.98
CA GLU C 105 -33.71 15.34 3.72
C GLU C 105 -32.98 14.17 3.08
N LYS C 106 -31.85 14.46 2.43
CA LYS C 106 -31.02 13.42 1.82
C LYS C 106 -29.94 12.90 2.77
N ASN C 107 -29.93 13.45 3.99
CA ASN C 107 -28.88 13.21 4.98
C ASN C 107 -27.47 13.40 4.41
N TRP C 108 -27.20 14.61 3.96
CA TRP C 108 -25.87 15.02 3.53
C TRP C 108 -25.09 15.71 4.66
N PHE C 109 -24.03 15.03 5.08
CA PHE C 109 -23.13 15.50 6.12
C PHE C 109 -21.92 16.18 5.55
N VAL C 110 -21.33 17.08 6.34
CA VAL C 110 -19.97 17.53 6.12
C VAL C 110 -19.11 16.31 6.50
N GLY C 111 -18.06 16.05 5.72
CA GLY C 111 -17.11 14.98 6.05
C GLY C 111 -15.85 15.04 5.20
N LEU C 112 -14.73 14.65 5.81
CA LEU C 112 -13.46 14.52 5.10
C LEU C 112 -13.14 13.06 4.96
N LYS C 113 -12.18 12.76 4.09
CA LYS C 113 -11.67 11.40 3.91
C LYS C 113 -10.29 11.25 4.56
N LYS C 114 -9.83 10.00 4.69
CA LYS C 114 -8.55 9.71 5.32
C LYS C 114 -7.47 10.43 4.55
N ASN C 115 -7.69 10.56 3.24
CA ASN C 115 -6.79 11.31 2.37
C ASN C 115 -6.59 12.74 2.82
N GLY C 116 -7.64 13.34 3.35
CA GLY C 116 -7.60 14.72 3.79
C GLY C 116 -8.50 15.59 2.92
N SER C 117 -9.48 14.98 2.28
CA SER C 117 -10.22 15.65 1.21
C SER C 117 -11.72 15.42 1.35
N CYS C 118 -12.50 16.17 0.56
CA CYS C 118 -13.95 16.24 0.72
C CYS C 118 -14.65 14.90 0.51
N LYS C 119 -15.62 14.60 1.35
CA LYS C 119 -16.42 13.40 1.11
C LYS C 119 -17.86 13.76 0.78
N ARG C 120 -18.12 13.99 -0.50
CA ARG C 120 -19.39 14.53 -0.96
C ARG C 120 -20.61 14.01 -0.20
N GLY C 121 -21.54 14.90 0.10
CA GLY C 121 -22.72 14.57 0.90
C GLY C 121 -23.36 13.23 0.61
N PRO C 122 -23.65 12.94 -0.67
CA PRO C 122 -24.28 11.65 -1.00
C PRO C 122 -23.44 10.43 -0.55
N ARG C 123 -22.12 10.56 -0.62
CA ARG C 123 -21.24 9.52 -0.13
C ARG C 123 -21.34 9.35 1.40
N THR C 124 -21.43 10.47 2.13
CA THR C 124 -21.40 10.47 3.61
C THR C 124 -22.54 9.67 4.21
N HIS C 125 -22.33 9.13 5.40
CA HIS C 125 -23.34 8.30 6.05
C HIS C 125 -23.06 8.18 7.55
N TYR C 126 -24.08 8.43 8.36
CA TYR C 126 -23.91 8.33 9.79
C TYR C 126 -23.36 6.96 10.17
N GLY C 127 -22.36 6.96 11.06
CA GLY C 127 -21.61 5.75 11.37
C GLY C 127 -20.18 5.90 10.86
N GLN C 128 -20.00 6.68 9.79
CA GLN C 128 -18.68 6.97 9.28
C GLN C 128 -17.92 7.91 10.22
N LYS C 129 -16.61 7.66 10.36
CA LYS C 129 -15.78 8.55 11.12
C LYS C 129 -15.50 9.82 10.30
N ALA C 130 -15.77 9.76 9.01
CA ALA C 130 -15.54 10.89 8.11
C ALA C 130 -16.35 12.12 8.51
N ILE C 131 -17.56 11.87 9.04
CA ILE C 131 -18.48 12.94 9.45
C ILE C 131 -18.32 13.34 10.92
N LEU C 132 -17.29 12.80 11.59
CA LEU C 132 -17.13 13.02 13.03
C LEU C 132 -16.13 14.14 13.34
N PHE C 133 -16.61 15.22 13.97
CA PHE C 133 -15.79 16.37 14.20
C PHE C 133 -15.73 16.83 15.63
N LEU C 134 -14.50 17.08 16.09
CA LEU C 134 -14.23 17.47 17.46
C LEU C 134 -13.88 18.94 17.58
N PRO C 135 -14.82 19.73 18.14
CA PRO C 135 -14.57 21.15 18.35
C PRO C 135 -13.53 21.36 19.44
N LEU C 136 -12.45 22.01 19.10
CA LEU C 136 -11.38 22.27 20.05
C LEU C 136 -11.12 23.75 20.04
N PRO C 137 -11.26 24.41 21.20
CA PRO C 137 -10.98 25.85 21.41
C PRO C 137 -9.49 26.19 21.42
#